data_5ICC
#
_entry.id   5ICC
#
_cell.length_a   73.640
_cell.length_b   108.990
_cell.length_c   40.910
_cell.angle_alpha   90.000
_cell.angle_beta   90.000
_cell.angle_gamma   90.000
#
_symmetry.space_group_name_H-M   'P 21 21 2'
#
loop_
_entity.id
_entity.type
_entity.pdbx_description
1 polymer '(S)-norcoclaurine 6-O-methyltransferase'
2 non-polymer S-ADENOSYL-L-HOMOCYSTEINE
3 non-polymer 'POTASSIUM ION'
4 non-polymer 'SODIUM ION'
5 non-polymer 1,2-ETHANEDIOL
6 water water
#
_entity_poly.entity_id   1
_entity_poly.type   'polypeptide(L)'
_entity_poly.pdbx_seq_one_letter_code
;GAMVMINKENLSSQAKLWNFIYGFADSLVLKSAVQLDLANIIHNHGSPMTLSELSLHLPSQPVNQDALYRVLRYLVHMKL
FTKSSIDGELRYGLAPPAKFLVKGWDKCMLGAILTITDKDFMAPWHYLKEGILNDGSTSTAFEKALGTNIWDYMAEHPEK
NQLFNEGMANDTRLIMSALVKECSSMFDGITTIVDVGGGTGTAVRNIAKAFPHIKCTVYDLPHVIADSPGYTEINSIQGD
MFKYIPNADAIMMKCILHDWDDKECIEILKRCKDAVPRDGGKVIIIDIILDVKSEHPYTKMRLTLDLDMMLNTGGKERTE
EEWKKLIHDAGYKGYKITHISAVQSVIEAYPY
;
_entity_poly.pdbx_strand_id   A
#
loop_
_chem_comp.id
_chem_comp.type
_chem_comp.name
_chem_comp.formula
EDO non-polymer 1,2-ETHANEDIOL 'C2 H6 O2'
K non-polymer 'POTASSIUM ION' 'K 1'
NA non-polymer 'SODIUM ION' 'Na 1'
SAH non-polymer S-ADENOSYL-L-HOMOCYSTEINE 'C14 H20 N6 O5 S'
#
# COMPACT_ATOMS: atom_id res chain seq x y z
N GLY A 1 -10.02 47.67 -11.01
CA GLY A 1 -10.53 46.92 -9.84
C GLY A 1 -10.34 45.40 -9.88
N ALA A 2 -10.92 44.74 -8.87
CA ALA A 2 -10.95 43.28 -8.83
C ALA A 2 -12.35 42.75 -9.16
N MET A 3 -12.43 41.43 -9.29
CA MET A 3 -13.68 40.76 -9.59
C MET A 3 -14.71 41.18 -8.58
N VAL A 4 -15.91 41.49 -9.07
CA VAL A 4 -17.00 41.75 -8.17
C VAL A 4 -18.03 40.69 -8.54
N MET A 5 -18.39 39.87 -7.55
CA MET A 5 -19.48 38.91 -7.75
C MET A 5 -20.82 39.60 -7.59
N ILE A 6 -21.78 39.33 -8.47
CA ILE A 6 -23.04 40.07 -8.41
C ILE A 6 -24.26 39.14 -8.28
N ASN A 7 -24.04 37.84 -8.44
CA ASN A 7 -25.13 36.89 -8.53
C ASN A 7 -24.63 35.59 -8.00
N LYS A 8 -25.49 34.56 -8.12
CA LYS A 8 -25.09 33.17 -8.50
C LYS A 8 -23.90 32.53 -7.79
N GLU A 9 -23.67 32.80 -6.50
CA GLU A 9 -22.53 32.17 -5.83
C GLU A 9 -22.66 30.61 -5.93
N ASN A 10 -21.70 29.95 -6.53
CA ASN A 10 -21.83 28.51 -6.82
C ASN A 10 -21.56 27.52 -5.61
N LEU A 11 -22.63 26.88 -5.12
CA LEU A 11 -22.53 26.01 -3.93
C LEU A 11 -21.68 24.75 -4.14
N SER A 12 -21.86 24.06 -5.29
CA SER A 12 -21.12 22.84 -5.59
CA SER A 12 -21.13 22.85 -5.58
C SER A 12 -19.62 23.06 -5.49
N SER A 13 -19.18 24.19 -6.02
CA SER A 13 -17.79 24.60 -6.06
CA SER A 13 -17.77 24.58 -6.05
C SER A 13 -17.21 24.74 -4.64
N GLN A 14 -17.97 25.42 -3.77
CA GLN A 14 -17.51 25.66 -2.39
CA GLN A 14 -17.49 25.66 -2.39
C GLN A 14 -17.52 24.34 -1.63
N ALA A 15 -18.52 23.51 -1.90
CA ALA A 15 -18.63 22.17 -1.23
C ALA A 15 -17.44 21.27 -1.60
N LYS A 16 -17.01 21.34 -2.86
CA LYS A 16 -15.81 20.60 -3.31
C LYS A 16 -14.59 20.97 -2.46
N LEU A 17 -14.42 22.26 -2.15
CA LEU A 17 -13.32 22.72 -1.27
CA LEU A 17 -13.29 22.67 -1.30
C LEU A 17 -13.50 22.21 0.12
N TRP A 18 -14.71 22.38 0.68
CA TRP A 18 -14.98 21.85 2.03
C TRP A 18 -14.65 20.32 2.09
N ASN A 19 -15.04 19.60 1.06
CA ASN A 19 -14.82 18.16 1.03
C ASN A 19 -13.35 17.80 0.97
N PHE A 20 -12.56 18.61 0.26
CA PHE A 20 -11.09 18.39 0.26
C PHE A 20 -10.49 18.77 1.61
N ILE A 21 -10.93 19.92 2.16
CA ILE A 21 -10.49 20.37 3.47
C ILE A 21 -10.69 19.28 4.50
N TYR A 22 -11.87 18.68 4.49
CA TYR A 22 -12.19 17.62 5.44
C TYR A 22 -11.90 16.23 4.94
N GLY A 23 -10.98 16.09 4.02
CA GLY A 23 -10.63 14.75 3.46
C GLY A 23 -10.19 13.81 4.57
N PHE A 24 -9.47 14.35 5.59
CA PHE A 24 -9.00 13.52 6.69
C PHE A 24 -10.12 12.88 7.49
N ALA A 25 -11.30 13.49 7.50
CA ALA A 25 -12.43 12.89 8.25
C ALA A 25 -12.82 11.55 7.60
N ASP A 26 -12.70 11.43 6.28
CA ASP A 26 -13.01 10.13 5.63
C ASP A 26 -11.99 9.08 6.15
N SER A 27 -10.69 9.46 6.16
CA SER A 27 -9.63 8.55 6.62
C SER A 27 -9.84 8.12 8.04
N LEU A 28 -10.19 9.09 8.92
CA LEU A 28 -10.23 8.78 10.35
C LEU A 28 -11.55 8.22 10.87
N VAL A 29 -12.66 8.50 10.20
CA VAL A 29 -13.89 7.76 10.47
C VAL A 29 -13.73 6.31 10.00
N LEU A 30 -13.09 6.13 8.84
CA LEU A 30 -12.84 4.74 8.33
C LEU A 30 -12.00 3.99 9.35
N LYS A 31 -10.95 4.66 9.85
CA LYS A 31 -10.09 4.04 10.89
C LYS A 31 -10.95 3.57 12.07
N SER A 32 -11.83 4.43 12.53
CA SER A 32 -12.71 4.06 13.66
C SER A 32 -13.60 2.89 13.36
N ALA A 33 -14.14 2.83 12.15
CA ALA A 33 -15.03 1.70 11.79
C ALA A 33 -14.25 0.39 11.81
N VAL A 34 -12.99 0.47 11.37
CA VAL A 34 -12.07 -0.68 11.40
C VAL A 34 -11.77 -1.11 12.81
N GLN A 35 -11.45 -0.15 13.68
CA GLN A 35 -11.14 -0.46 15.08
C GLN A 35 -12.34 -1.01 15.84
N LEU A 36 -13.55 -0.54 15.49
CA LEU A 36 -14.75 -1.07 16.10
C LEU A 36 -15.19 -2.43 15.49
N ASP A 37 -14.62 -2.76 14.34
CA ASP A 37 -14.88 -4.01 13.61
C ASP A 37 -16.31 -4.13 13.12
N LEU A 38 -16.96 -2.99 12.85
CA LEU A 38 -18.40 -2.97 12.46
C LEU A 38 -18.73 -3.90 11.28
N ALA A 39 -17.87 -3.88 10.25
CA ALA A 39 -18.18 -4.68 9.03
C ALA A 39 -18.19 -6.18 9.34
N ASN A 40 -17.28 -6.63 10.18
CA ASN A 40 -17.19 -8.05 10.48
C ASN A 40 -18.23 -8.53 11.46
N ILE A 41 -18.63 -7.65 12.37
CA ILE A 41 -19.75 -7.97 13.26
C ILE A 41 -20.98 -8.26 12.40
N ILE A 42 -21.25 -7.36 11.45
CA ILE A 42 -22.42 -7.46 10.59
C ILE A 42 -22.34 -8.67 9.64
N HIS A 43 -21.19 -8.83 8.99
CA HIS A 43 -21.00 -9.87 8.01
C HIS A 43 -21.16 -11.23 8.71
N ASN A 44 -20.56 -11.37 9.89
CA ASN A 44 -20.67 -12.61 10.65
C ASN A 44 -22.13 -12.84 11.07
N HIS A 45 -22.85 -11.77 11.46
CA HIS A 45 -24.26 -11.88 11.81
C HIS A 45 -25.08 -12.40 10.60
N GLY A 46 -24.71 -11.97 9.42
CA GLY A 46 -25.31 -12.44 8.17
C GLY A 46 -26.52 -11.66 7.72
N SER A 47 -26.99 -10.71 8.56
CA SER A 47 -28.12 -9.85 8.19
C SER A 47 -27.88 -8.44 8.85
N PRO A 48 -28.59 -7.40 8.35
CA PRO A 48 -28.49 -6.06 9.02
C PRO A 48 -28.87 -6.11 10.48
N MET A 49 -28.18 -5.31 11.31
CA MET A 49 -28.35 -5.31 12.72
C MET A 49 -28.80 -3.92 13.24
N THR A 50 -29.59 -3.96 14.29
CA THR A 50 -30.03 -2.72 14.95
C THR A 50 -28.84 -2.10 15.65
N LEU A 51 -29.03 -0.87 16.12
CA LEU A 51 -27.98 -0.22 16.89
C LEU A 51 -27.70 -0.96 18.15
N SER A 52 -28.77 -1.42 18.84
CA SER A 52 -28.62 -2.20 20.08
CA SER A 52 -28.64 -2.20 20.08
C SER A 52 -27.85 -3.49 19.86
N GLU A 53 -28.19 -4.24 18.82
CA GLU A 53 -27.53 -5.52 18.56
C GLU A 53 -26.06 -5.29 18.27
N LEU A 54 -25.76 -4.30 17.46
CA LEU A 54 -24.40 -3.91 17.16
C LEU A 54 -23.61 -3.62 18.40
N SER A 55 -24.20 -2.81 19.28
CA SER A 55 -23.51 -2.36 20.52
CA SER A 55 -23.53 -2.36 20.50
C SER A 55 -23.10 -3.54 21.36
N LEU A 56 -23.99 -4.55 21.46
CA LEU A 56 -23.70 -5.74 22.27
C LEU A 56 -22.50 -6.53 21.86
N HIS A 57 -22.09 -6.40 20.59
CA HIS A 57 -20.98 -7.16 20.03
C HIS A 57 -19.73 -6.33 19.79
N LEU A 58 -19.72 -5.08 20.24
CA LEU A 58 -18.49 -4.23 20.01
C LEU A 58 -17.28 -4.69 20.83
N PRO A 59 -16.05 -4.27 20.44
CA PRO A 59 -14.82 -4.75 21.13
C PRO A 59 -14.73 -4.58 22.63
N SER A 60 -15.50 -3.62 23.20
CA SER A 60 -15.44 -3.39 24.63
C SER A 60 -16.78 -2.79 25.09
N GLN A 61 -16.98 -2.73 26.41
CA GLN A 61 -18.20 -2.19 27.01
C GLN A 61 -17.77 -1.24 28.09
N PRO A 62 -18.58 -0.19 28.35
CA PRO A 62 -19.84 0.12 27.71
C PRO A 62 -19.68 0.88 26.41
N VAL A 63 -20.82 1.12 25.77
CA VAL A 63 -20.88 1.75 24.44
C VAL A 63 -21.78 3.01 24.49
N ASN A 64 -21.25 4.06 23.94
CA ASN A 64 -22.02 5.33 23.81
C ASN A 64 -22.78 5.20 22.50
N GLN A 65 -24.07 4.88 22.62
CA GLN A 65 -24.89 4.59 21.44
C GLN A 65 -25.23 5.81 20.57
N ASP A 66 -25.24 6.99 21.19
CA ASP A 66 -25.42 8.19 20.43
C ASP A 66 -24.21 8.40 19.48
N ALA A 67 -23.02 8.25 20.01
CA ALA A 67 -21.81 8.35 19.19
C ALA A 67 -21.76 7.30 18.07
N LEU A 68 -22.10 6.06 18.40
CA LEU A 68 -22.16 4.99 17.45
C LEU A 68 -23.17 5.28 16.31
N TYR A 69 -24.36 5.79 16.68
CA TYR A 69 -25.36 6.17 15.71
C TYR A 69 -24.80 7.25 14.76
N ARG A 70 -24.13 8.25 15.33
CA ARG A 70 -23.62 9.36 14.51
C ARG A 70 -22.50 8.98 13.59
N VAL A 71 -21.64 8.06 14.04
CA VAL A 71 -20.54 7.55 13.17
C VAL A 71 -21.12 6.68 12.04
N LEU A 72 -22.11 5.86 12.39
CA LEU A 72 -22.81 5.03 11.38
C LEU A 72 -23.48 5.92 10.34
N ARG A 73 -24.04 7.06 10.77
CA ARG A 73 -24.69 8.00 9.80
C ARG A 73 -23.70 8.50 8.78
N TYR A 74 -22.51 8.81 9.24
CA TYR A 74 -21.44 9.27 8.35
C TYR A 74 -21.01 8.12 7.42
N LEU A 75 -20.89 6.93 8.00
CA LEU A 75 -20.47 5.73 7.25
C LEU A 75 -21.51 5.34 6.17
N VAL A 76 -22.78 5.55 6.47
CA VAL A 76 -23.86 5.28 5.46
C VAL A 76 -23.77 6.28 4.33
N HIS A 77 -23.51 7.56 4.68
CA HIS A 77 -23.34 8.60 3.67
C HIS A 77 -22.12 8.34 2.78
N MET A 78 -21.05 7.72 3.32
CA MET A 78 -19.90 7.30 2.51
C MET A 78 -20.27 6.18 1.50
N LYS A 79 -21.44 5.57 1.71
CA LYS A 79 -21.90 4.41 0.95
C LYS A 79 -21.01 3.16 1.20
N LEU A 80 -20.46 3.09 2.42
CA LEU A 80 -19.79 1.85 2.88
C LEU A 80 -20.77 1.00 3.61
N PHE A 81 -21.63 1.64 4.37
CA PHE A 81 -22.72 0.90 5.11
C PHE A 81 -24.09 1.30 4.63
N THR A 82 -25.12 0.55 5.06
CA THR A 82 -26.49 0.84 4.64
C THR A 82 -27.35 1.00 5.91
N LYS A 83 -28.44 1.75 5.79
CA LYS A 83 -29.43 1.82 6.82
C LYS A 83 -30.81 1.65 6.19
N SER A 84 -31.65 0.85 6.83
CA SER A 84 -32.99 0.70 6.28
C SER A 84 -33.93 0.30 7.36
N SER A 85 -35.23 0.49 7.10
CA SER A 85 -36.29 0.02 7.99
CA SER A 85 -36.27 0.02 8.00
C SER A 85 -36.69 -1.41 7.64
N ILE A 86 -36.53 -2.35 8.58
CA ILE A 86 -36.90 -3.76 8.35
C ILE A 86 -37.74 -4.29 9.52
N ASP A 87 -38.96 -4.79 9.19
CA ASP A 87 -39.95 -5.19 10.22
C ASP A 87 -40.05 -4.16 11.35
N GLY A 88 -40.19 -2.90 10.99
CA GLY A 88 -40.32 -1.84 11.98
C GLY A 88 -39.09 -1.53 12.84
N GLU A 89 -37.90 -1.82 12.32
CA GLU A 89 -36.68 -1.42 13.01
C GLU A 89 -35.65 -0.86 12.03
N LEU A 90 -34.85 0.10 12.49
CA LEU A 90 -33.70 0.58 11.73
C LEU A 90 -32.50 -0.40 11.89
N ARG A 91 -31.99 -0.86 10.78
CA ARG A 91 -30.95 -1.88 10.79
C ARG A 91 -29.84 -1.48 9.83
N TYR A 92 -28.62 -1.82 10.22
CA TYR A 92 -27.42 -1.43 9.53
C TYR A 92 -26.79 -2.63 8.78
N GLY A 93 -26.51 -2.44 7.50
CA GLY A 93 -25.91 -3.51 6.67
C GLY A 93 -24.67 -3.04 5.97
N LEU A 94 -24.15 -3.88 5.07
CA LEU A 94 -22.96 -3.56 4.32
C LEU A 94 -23.31 -3.15 2.88
N ALA A 95 -22.61 -2.16 2.36
CA ALA A 95 -22.75 -1.84 0.93
C ALA A 95 -21.63 -2.62 0.23
N PRO A 96 -21.67 -2.71 -1.10
CA PRO A 96 -20.62 -3.51 -1.83
C PRO A 96 -19.16 -3.17 -1.50
N PRO A 97 -18.75 -1.88 -1.42
CA PRO A 97 -17.33 -1.68 -1.09
C PRO A 97 -16.93 -2.08 0.34
N ALA A 98 -17.89 -2.36 1.21
CA ALA A 98 -17.51 -2.80 2.58
C ALA A 98 -16.89 -4.21 2.57
N LYS A 99 -16.99 -4.90 1.41
CA LYS A 99 -16.41 -6.25 1.30
C LYS A 99 -14.90 -6.23 1.60
N PHE A 100 -14.26 -5.10 1.30
CA PHE A 100 -12.80 -4.90 1.56
C PHE A 100 -12.50 -4.66 3.02
N LEU A 101 -13.55 -4.51 3.84
CA LEU A 101 -13.39 -4.39 5.28
C LEU A 101 -13.70 -5.70 6.00
N VAL A 102 -14.07 -6.70 5.22
CA VAL A 102 -14.45 -8.03 5.75
C VAL A 102 -13.24 -8.96 5.74
N LYS A 103 -12.98 -9.54 6.89
CA LYS A 103 -11.82 -10.41 7.11
C LYS A 103 -12.00 -11.75 6.36
N GLY A 104 -10.86 -12.39 6.08
CA GLY A 104 -10.90 -13.80 5.72
C GLY A 104 -10.70 -14.06 4.23
N TRP A 105 -10.33 -13.03 3.46
CA TRP A 105 -10.04 -13.20 2.00
C TRP A 105 -8.89 -12.31 1.60
N ASP A 106 -8.33 -12.56 0.42
CA ASP A 106 -7.07 -11.91 0.05
C ASP A 106 -7.22 -10.37 -0.12
N LYS A 107 -8.43 -9.90 -0.45
CA LYS A 107 -8.64 -8.45 -0.69
C LYS A 107 -9.13 -7.67 0.55
N CYS A 108 -9.16 -8.32 1.70
CA CYS A 108 -9.39 -7.59 2.94
C CYS A 108 -8.24 -6.56 3.09
N MET A 109 -8.61 -5.29 3.27
CA MET A 109 -7.65 -4.17 3.31
C MET A 109 -7.37 -3.62 4.72
N LEU A 110 -7.79 -4.34 5.74
CA LEU A 110 -7.69 -3.86 7.13
C LEU A 110 -6.30 -3.50 7.60
N GLY A 111 -5.33 -4.37 7.33
CA GLY A 111 -3.92 -4.14 7.77
C GLY A 111 -3.40 -2.81 7.15
N ALA A 112 -3.68 -2.59 5.88
CA ALA A 112 -3.17 -1.41 5.20
C ALA A 112 -3.86 -0.13 5.80
N ILE A 113 -5.17 -0.22 6.07
CA ILE A 113 -5.89 0.92 6.66
C ILE A 113 -5.23 1.32 7.97
N LEU A 114 -4.95 0.33 8.83
CA LEU A 114 -4.38 0.59 10.14
C LEU A 114 -2.97 1.16 10.08
N THR A 115 -2.17 0.74 9.07
CA THR A 115 -0.86 1.35 8.91
C THR A 115 -0.98 2.78 8.35
N ILE A 116 -1.69 2.95 7.26
CA ILE A 116 -1.70 4.22 6.56
C ILE A 116 -2.35 5.34 7.46
N THR A 117 -3.36 4.99 8.26
CA THR A 117 -4.08 6.02 9.09
C THR A 117 -3.53 6.11 10.51
N ASP A 118 -2.41 5.40 10.77
CA ASP A 118 -1.70 5.56 12.04
C ASP A 118 -1.31 7.02 12.26
N LYS A 119 -1.47 7.51 13.51
CA LYS A 119 -1.18 8.91 13.78
C LYS A 119 0.26 9.31 13.50
N ASP A 120 1.24 8.51 14.00
CA ASP A 120 2.66 8.79 13.73
C ASP A 120 2.98 8.71 12.23
N PHE A 121 2.42 7.72 11.54
CA PHE A 121 2.71 7.58 10.11
C PHE A 121 2.05 8.67 9.24
N MET A 122 1.02 9.32 9.75
CA MET A 122 0.43 10.47 9.06
C MET A 122 1.21 11.74 9.27
N ALA A 123 1.98 11.79 10.39
CA ALA A 123 2.69 13.06 10.74
C ALA A 123 3.54 13.70 9.67
N PRO A 124 4.29 12.88 8.87
CA PRO A 124 5.15 13.52 7.83
C PRO A 124 4.36 14.40 6.83
N TRP A 125 3.09 14.08 6.63
CA TRP A 125 2.27 14.82 5.65
C TRP A 125 2.09 16.29 6.08
N HIS A 126 2.27 16.55 7.36
CA HIS A 126 2.21 17.94 7.86
C HIS A 126 3.42 18.76 7.49
N TYR A 127 4.44 18.12 6.91
CA TYR A 127 5.71 18.76 6.56
C TYR A 127 5.89 18.92 5.07
N LEU A 128 4.78 18.82 4.32
CA LEU A 128 4.85 18.92 2.87
C LEU A 128 5.41 20.26 2.36
N LYS A 129 4.98 21.36 2.98
CA LYS A 129 5.49 22.70 2.64
C LYS A 129 7.05 22.73 2.75
N GLU A 130 7.54 22.17 3.84
CA GLU A 130 8.99 22.04 4.03
C GLU A 130 9.71 21.12 3.05
N GLY A 131 8.97 20.27 2.34
CA GLY A 131 9.59 19.49 1.26
C GLY A 131 9.81 20.31 0.00
N ILE A 132 9.07 21.42 -0.13
CA ILE A 132 9.30 22.30 -1.26
CA ILE A 132 9.26 22.32 -1.26
C ILE A 132 10.22 23.45 -0.87
N LEU A 133 9.97 24.08 0.26
CA LEU A 133 10.81 25.17 0.79
C LEU A 133 11.74 24.56 1.84
N ASN A 134 12.80 23.93 1.32
CA ASN A 134 13.67 23.03 2.11
CA ASN A 134 13.67 23.03 2.09
C ASN A 134 14.50 23.72 3.18
N ASP A 135 14.76 25.02 3.00
CA ASP A 135 15.66 25.80 3.90
C ASP A 135 17.03 25.11 4.05
N GLY A 136 17.53 24.53 2.94
CA GLY A 136 18.86 23.90 2.91
C GLY A 136 19.01 22.55 3.60
N SER A 137 17.95 22.00 4.22
CA SER A 137 17.97 20.62 4.76
C SER A 137 17.59 19.56 3.70
N THR A 138 18.34 18.48 3.66
CA THR A 138 18.07 17.47 2.69
C THR A 138 17.31 16.30 3.37
N SER A 139 16.92 16.43 4.65
CA SER A 139 16.16 15.36 5.35
CA SER A 139 16.18 15.34 5.34
C SER A 139 14.78 15.12 4.72
N THR A 140 14.26 13.88 4.88
CA THR A 140 12.89 13.64 4.44
C THR A 140 11.93 14.23 5.46
N ALA A 141 10.70 14.46 5.02
CA ALA A 141 9.61 14.84 5.95
C ALA A 141 9.48 13.83 7.10
N PHE A 142 9.67 12.52 6.78
CA PHE A 142 9.59 11.50 7.80
C PHE A 142 10.60 11.77 8.93
N GLU A 143 11.84 12.06 8.55
CA GLU A 143 12.89 12.44 9.51
C GLU A 143 12.55 13.73 10.28
N LYS A 144 12.04 14.74 9.59
CA LYS A 144 11.63 16.00 10.25
CA LYS A 144 11.65 15.99 10.27
C LYS A 144 10.59 15.72 11.31
N ALA A 145 9.62 14.85 10.96
CA ALA A 145 8.52 14.53 11.87
C ALA A 145 8.84 13.57 12.95
N LEU A 146 9.69 12.57 12.64
CA LEU A 146 9.83 11.43 13.56
C LEU A 146 11.27 11.18 14.01
N GLY A 147 12.21 11.95 13.49
CA GLY A 147 13.57 11.98 14.04
C GLY A 147 14.67 11.48 13.15
N THR A 148 14.39 10.41 12.41
CA THR A 148 15.42 9.84 11.57
C THR A 148 14.77 9.20 10.33
N ASN A 149 15.59 8.72 9.39
CA ASN A 149 15.07 8.09 8.19
C ASN A 149 14.18 6.90 8.50
N ILE A 150 13.25 6.60 7.57
CA ILE A 150 12.25 5.60 7.80
C ILE A 150 12.83 4.21 8.24
N TRP A 151 13.84 3.72 7.52
CA TRP A 151 14.35 2.35 7.80
C TRP A 151 15.03 2.25 9.17
N ASP A 152 15.82 3.25 9.53
CA ASP A 152 16.46 3.25 10.91
C ASP A 152 15.39 3.45 11.95
N TYR A 153 14.34 4.20 11.60
CA TYR A 153 13.25 4.42 12.54
C TYR A 153 12.60 3.07 12.87
N MET A 154 12.30 2.30 11.83
CA MET A 154 11.68 0.96 12.07
C MET A 154 12.61 0.09 12.91
N ALA A 155 13.92 0.22 12.68
CA ALA A 155 14.91 -0.60 13.45
C ALA A 155 14.86 -0.23 14.94
N GLU A 156 14.42 0.97 15.26
CA GLU A 156 14.37 1.46 16.65
C GLU A 156 12.99 1.54 17.27
N HIS A 157 11.96 1.09 16.52
CA HIS A 157 10.58 1.13 17.04
C HIS A 157 9.86 -0.15 16.65
N PRO A 158 10.06 -1.22 17.45
CA PRO A 158 9.53 -2.54 17.07
C PRO A 158 8.02 -2.60 16.82
N GLU A 159 7.21 -1.89 17.60
CA GLU A 159 5.77 -1.89 17.35
C GLU A 159 5.45 -1.20 15.98
N LYS A 160 6.15 -0.11 15.69
CA LYS A 160 5.96 0.60 14.40
C LYS A 160 6.44 -0.27 13.24
N ASN A 161 7.56 -0.96 13.46
CA ASN A 161 8.13 -1.87 12.49
C ASN A 161 7.09 -2.95 12.12
N GLN A 162 6.46 -3.51 13.15
CA GLN A 162 5.51 -4.57 12.94
C GLN A 162 4.22 -4.03 12.22
N LEU A 163 3.77 -2.86 12.64
CA LEU A 163 2.59 -2.20 11.98
C LEU A 163 2.85 -1.91 10.49
N PHE A 164 4.04 -1.36 10.19
CA PHE A 164 4.41 -1.08 8.82
C PHE A 164 4.52 -2.39 8.03
N ASN A 165 5.25 -3.35 8.58
CA ASN A 165 5.44 -4.63 7.87
C ASN A 165 4.14 -5.33 7.58
N GLU A 166 3.19 -5.22 8.48
CA GLU A 166 1.88 -5.85 8.23
C GLU A 166 1.03 -5.08 7.21
N GLY A 167 1.24 -3.76 7.12
CA GLY A 167 0.60 -2.97 6.06
C GLY A 167 1.11 -3.43 4.71
N MET A 168 2.43 -3.62 4.60
CA MET A 168 3.03 -4.07 3.33
C MET A 168 2.62 -5.54 3.06
N ALA A 169 2.55 -6.36 4.12
CA ALA A 169 2.05 -7.70 3.96
C ALA A 169 0.64 -7.67 3.35
N ASN A 170 -0.23 -6.83 3.88
CA ASN A 170 -1.57 -6.70 3.32
C ASN A 170 -1.53 -6.27 1.85
N ASP A 171 -0.79 -5.21 1.53
CA ASP A 171 -0.62 -4.76 0.14
CA ASP A 171 -0.70 -4.77 0.14
C ASP A 171 -0.26 -5.94 -0.79
N THR A 172 0.66 -6.76 -0.33
CA THR A 172 1.10 -7.97 -1.08
C THR A 172 0.00 -9.01 -1.25
N ARG A 173 -0.77 -9.24 -0.18
CA ARG A 173 -1.90 -10.19 -0.25
C ARG A 173 -2.89 -9.76 -1.32
N LEU A 174 -3.03 -8.44 -1.52
CA LEU A 174 -4.00 -7.93 -2.54
C LEU A 174 -3.65 -8.37 -3.97
N ILE A 175 -2.37 -8.65 -4.22
CA ILE A 175 -1.93 -8.87 -5.65
C ILE A 175 -1.47 -10.29 -5.94
N MET A 176 -1.21 -11.10 -4.91
CA MET A 176 -0.56 -12.40 -5.15
C MET A 176 -1.35 -13.38 -6.05
N SER A 177 -2.66 -13.44 -5.90
CA SER A 177 -3.48 -14.28 -6.74
CA SER A 177 -3.48 -14.30 -6.73
C SER A 177 -3.34 -13.95 -8.23
N ALA A 178 -3.47 -12.67 -8.56
CA ALA A 178 -3.32 -12.23 -9.94
C ALA A 178 -1.89 -12.53 -10.38
N LEU A 179 -0.93 -12.28 -9.50
CA LEU A 179 0.42 -12.51 -9.83
C LEU A 179 0.71 -13.93 -10.26
N VAL A 180 0.37 -14.92 -9.40
CA VAL A 180 0.75 -16.28 -9.67
C VAL A 180 -0.13 -16.91 -10.79
N LYS A 181 -1.34 -16.38 -10.98
CA LYS A 181 -2.26 -16.92 -11.98
C LYS A 181 -2.03 -16.24 -13.32
N GLU A 182 -2.23 -14.94 -13.42
CA GLU A 182 -1.97 -14.25 -14.67
C GLU A 182 -0.51 -14.32 -15.15
N CYS A 183 0.44 -14.37 -14.21
CA CYS A 183 1.83 -14.28 -14.60
C CYS A 183 2.59 -15.61 -14.32
N SER A 184 1.87 -16.74 -14.26
CA SER A 184 2.55 -18.02 -14.02
C SER A 184 3.74 -18.25 -14.96
N SER A 185 3.64 -17.79 -16.20
CA SER A 185 4.63 -18.12 -17.25
C SER A 185 5.96 -17.48 -16.91
N MET A 186 5.91 -16.44 -16.08
CA MET A 186 7.10 -15.71 -15.64
CA MET A 186 7.14 -15.73 -15.68
C MET A 186 7.95 -16.63 -14.75
N PHE A 187 7.30 -17.56 -14.07
CA PHE A 187 8.00 -18.49 -13.15
C PHE A 187 8.46 -19.77 -13.81
N ASP A 188 8.15 -19.99 -15.09
CA ASP A 188 8.67 -21.14 -15.83
C ASP A 188 10.19 -21.24 -15.86
N GLY A 189 10.73 -22.43 -15.59
CA GLY A 189 12.17 -22.65 -15.79
C GLY A 189 13.04 -22.09 -14.70
N ILE A 190 12.43 -21.40 -13.74
CA ILE A 190 13.14 -20.81 -12.58
C ILE A 190 13.35 -21.91 -11.54
N THR A 191 14.58 -22.03 -11.01
CA THR A 191 14.80 -22.98 -9.94
C THR A 191 14.96 -22.30 -8.60
N THR A 192 15.38 -21.03 -8.64
CA THR A 192 15.62 -20.25 -7.45
C THR A 192 15.06 -18.84 -7.66
N ILE A 193 14.46 -18.28 -6.61
CA ILE A 193 14.06 -16.85 -6.68
C ILE A 193 14.34 -16.16 -5.32
N VAL A 194 14.84 -14.95 -5.38
CA VAL A 194 15.14 -14.17 -4.13
C VAL A 194 14.24 -12.93 -4.22
N ASP A 195 13.42 -12.74 -3.18
CA ASP A 195 12.56 -11.53 -3.09
C ASP A 195 13.35 -10.49 -2.26
N VAL A 196 13.93 -9.54 -2.97
CA VAL A 196 14.84 -8.60 -2.38
C VAL A 196 14.02 -7.51 -1.71
N GLY A 197 14.29 -7.28 -0.43
CA GLY A 197 13.46 -6.35 0.37
C GLY A 197 12.10 -6.98 0.55
N GLY A 198 12.09 -8.37 0.64
CA GLY A 198 10.80 -9.15 0.54
C GLY A 198 9.91 -9.05 1.78
N GLY A 199 10.29 -8.16 2.78
CA GLY A 199 9.41 -7.89 3.91
C GLY A 199 9.34 -9.13 4.80
N THR A 200 8.18 -9.35 5.43
CA THR A 200 7.99 -10.48 6.31
C THR A 200 7.54 -11.77 5.56
N GLY A 201 7.71 -11.79 4.24
CA GLY A 201 7.69 -13.04 3.47
C GLY A 201 6.35 -13.46 2.83
N THR A 202 5.35 -12.59 2.84
CA THR A 202 4.07 -12.94 2.22
C THR A 202 4.26 -13.35 0.75
N ALA A 203 5.03 -12.56 -0.02
CA ALA A 203 5.23 -12.85 -1.42
C ALA A 203 5.92 -14.23 -1.64
N VAL A 204 7.03 -14.49 -0.94
CA VAL A 204 7.73 -15.81 -1.12
C VAL A 204 6.87 -16.96 -0.63
N ARG A 205 6.11 -16.80 0.46
CA ARG A 205 5.28 -17.92 0.96
C ARG A 205 4.21 -18.29 -0.06
N ASN A 206 3.68 -17.28 -0.72
CA ASN A 206 2.70 -17.53 -1.77
CA ASN A 206 2.71 -17.52 -1.77
C ASN A 206 3.31 -18.11 -3.04
N ILE A 207 4.45 -17.58 -3.47
CA ILE A 207 5.14 -18.15 -4.66
C ILE A 207 5.56 -19.63 -4.38
N ALA A 208 6.11 -19.86 -3.21
CA ALA A 208 6.54 -21.20 -2.79
C ALA A 208 5.41 -22.22 -2.75
N LYS A 209 4.23 -21.77 -2.36
CA LYS A 209 3.01 -22.60 -2.38
C LYS A 209 2.54 -22.88 -3.82
N ALA A 210 2.56 -21.87 -4.66
CA ALA A 210 2.09 -22.04 -6.03
C ALA A 210 3.08 -22.81 -6.95
N PHE A 211 4.37 -22.71 -6.63
CA PHE A 211 5.45 -23.29 -7.46
C PHE A 211 6.38 -24.12 -6.54
N PRO A 212 5.93 -25.30 -6.15
CA PRO A 212 6.62 -26.10 -5.15
C PRO A 212 8.05 -26.53 -5.57
N HIS A 213 8.41 -26.40 -6.83
CA HIS A 213 9.75 -26.81 -7.24
C HIS A 213 10.75 -25.65 -7.28
N ILE A 214 10.31 -24.43 -6.94
CA ILE A 214 11.21 -23.25 -6.87
C ILE A 214 11.69 -23.10 -5.41
N LYS A 215 12.99 -23.02 -5.25
CA LYS A 215 13.59 -22.72 -3.95
C LYS A 215 13.54 -21.17 -3.79
N CYS A 216 12.78 -20.72 -2.81
CA CYS A 216 12.47 -19.30 -2.58
C CYS A 216 13.28 -18.76 -1.48
N THR A 217 13.72 -17.51 -1.63
CA THR A 217 14.46 -16.79 -0.58
C THR A 217 13.83 -15.40 -0.34
N VAL A 218 13.70 -15.04 0.94
CA VAL A 218 13.32 -13.68 1.32
C VAL A 218 14.54 -13.03 1.88
N TYR A 219 14.76 -11.80 1.46
CA TYR A 219 15.94 -11.06 1.86
C TYR A 219 15.46 -9.64 2.27
N ASP A 220 15.85 -9.21 3.47
CA ASP A 220 15.51 -7.87 3.93
C ASP A 220 16.49 -7.46 5.01
N LEU A 221 16.27 -6.31 5.62
CA LEU A 221 17.14 -5.86 6.74
C LEU A 221 16.92 -6.72 7.96
N PRO A 222 17.94 -6.79 8.85
CA PRO A 222 17.80 -7.63 10.06
C PRO A 222 16.53 -7.36 10.86
N HIS A 223 16.18 -6.09 11.08
CA HIS A 223 14.98 -5.79 11.92
C HIS A 223 13.67 -6.22 11.30
N VAL A 224 13.67 -6.47 9.97
CA VAL A 224 12.46 -7.02 9.32
C VAL A 224 12.45 -8.54 9.38
N ILE A 225 13.61 -9.15 9.13
CA ILE A 225 13.72 -10.64 9.27
C ILE A 225 13.39 -11.07 10.73
N ALA A 226 13.76 -10.22 11.70
CA ALA A 226 13.45 -10.44 13.09
C ALA A 226 11.96 -10.39 13.40
N ASP A 227 11.19 -9.73 12.56
CA ASP A 227 9.74 -9.61 12.74
C ASP A 227 9.00 -10.58 11.84
N SER A 228 9.69 -11.64 11.43
CA SER A 228 9.16 -12.61 10.49
C SER A 228 9.02 -13.98 11.15
N PRO A 229 8.06 -14.81 10.68
CA PRO A 229 7.88 -16.16 11.22
C PRO A 229 9.02 -17.01 10.75
N GLY A 230 9.23 -18.13 11.42
CA GLY A 230 10.36 -19.00 11.10
C GLY A 230 10.14 -19.64 9.75
N TYR A 231 11.22 -19.98 9.11
CA TYR A 231 11.15 -20.63 7.83
C TYR A 231 11.68 -22.06 7.88
N THR A 232 11.08 -22.92 7.06
CA THR A 232 11.55 -24.30 6.84
C THR A 232 12.23 -24.37 5.46
N GLU A 233 11.42 -24.39 4.40
CA GLU A 233 11.93 -24.73 3.07
C GLU A 233 12.33 -23.49 2.30
N ILE A 234 12.03 -22.34 2.89
CA ILE A 234 12.32 -21.00 2.32
C ILE A 234 13.51 -20.42 3.06
N ASN A 235 14.55 -20.00 2.33
CA ASN A 235 15.70 -19.36 2.93
C ASN A 235 15.31 -17.93 3.41
N SER A 236 15.73 -17.59 4.62
CA SER A 236 15.56 -16.27 5.20
CA SER A 236 15.57 -16.23 5.12
C SER A 236 16.96 -15.67 5.35
N ILE A 237 17.25 -14.58 4.66
CA ILE A 237 18.57 -14.00 4.72
C ILE A 237 18.43 -12.51 5.07
N GLN A 238 19.28 -12.03 5.94
CA GLN A 238 19.26 -10.61 6.28
C GLN A 238 20.50 -9.94 5.75
N GLY A 239 20.37 -8.67 5.38
CA GLY A 239 21.51 -7.92 4.85
C GLY A 239 21.14 -6.56 4.27
N ASP A 240 22.05 -5.97 3.52
CA ASP A 240 21.83 -4.68 2.91
C ASP A 240 21.94 -4.85 1.40
N MET A 241 20.80 -4.62 0.69
CA MET A 241 20.72 -4.86 -0.75
C MET A 241 21.67 -3.95 -1.57
N PHE A 242 22.10 -2.83 -0.97
CA PHE A 242 23.06 -1.96 -1.64
C PHE A 242 24.43 -2.58 -1.64
N LYS A 243 24.66 -3.54 -0.73
CA LYS A 243 25.98 -4.20 -0.69
C LYS A 243 26.00 -5.63 -1.23
N TYR A 244 24.84 -6.33 -1.19
CA TYR A 244 24.77 -7.72 -1.58
C TYR A 244 23.37 -8.08 -2.01
N ILE A 245 23.25 -8.69 -3.20
CA ILE A 245 22.01 -9.37 -3.54
C ILE A 245 22.24 -10.88 -3.82
N PRO A 246 21.57 -11.77 -3.08
CA PRO A 246 21.82 -13.21 -3.29
C PRO A 246 21.51 -13.63 -4.72
N ASN A 247 22.47 -14.32 -5.32
CA ASN A 247 22.29 -14.85 -6.68
C ASN A 247 21.21 -15.89 -6.81
N ALA A 248 20.43 -15.77 -7.89
CA ALA A 248 19.38 -16.71 -8.13
C ALA A 248 18.99 -16.64 -9.61
N ASP A 249 18.16 -17.57 -10.02
CA ASP A 249 17.64 -17.58 -11.40
C ASP A 249 16.81 -16.32 -11.70
N ALA A 250 16.03 -15.87 -10.70
CA ALA A 250 15.28 -14.65 -10.81
C ALA A 250 15.37 -13.86 -9.52
N ILE A 251 15.23 -12.54 -9.64
CA ILE A 251 15.13 -11.62 -8.48
C ILE A 251 13.79 -10.91 -8.60
N MET A 252 13.06 -10.76 -7.49
CA MET A 252 11.81 -10.00 -7.46
CA MET A 252 11.88 -9.93 -7.54
C MET A 252 12.02 -8.80 -6.54
N MET A 253 11.45 -7.65 -6.90
CA MET A 253 11.48 -6.47 -6.03
C MET A 253 10.11 -5.84 -6.13
N LYS A 254 9.31 -6.00 -5.06
CA LYS A 254 8.01 -5.35 -5.03
C LYS A 254 8.04 -4.17 -4.08
N CYS A 255 7.57 -3.01 -4.54
CA CYS A 255 7.55 -1.76 -3.71
C CYS A 255 8.93 -1.48 -3.13
N ILE A 256 9.95 -1.67 -3.96
CA ILE A 256 11.35 -1.37 -3.56
C ILE A 256 11.84 -0.12 -4.26
N LEU A 257 11.90 -0.20 -5.59
CA LEU A 257 12.50 0.87 -6.36
C LEU A 257 11.76 2.22 -6.19
N HIS A 258 10.45 2.17 -5.92
CA HIS A 258 9.69 3.44 -5.66
C HIS A 258 10.17 4.12 -4.36
N ASP A 259 10.97 3.42 -3.55
CA ASP A 259 11.57 4.04 -2.32
C ASP A 259 12.79 4.89 -2.56
N TRP A 260 13.37 4.83 -3.74
CA TRP A 260 14.73 5.32 -3.95
C TRP A 260 14.75 6.26 -5.17
N ASP A 261 15.70 7.19 -5.19
CA ASP A 261 15.93 8.06 -6.32
C ASP A 261 16.63 7.32 -7.47
N ASP A 262 16.81 8.00 -8.61
CA ASP A 262 17.32 7.35 -9.82
C ASP A 262 18.68 6.71 -9.61
N LYS A 263 19.61 7.46 -9.02
CA LYS A 263 21.02 6.97 -8.92
C LYS A 263 21.02 5.67 -8.05
N GLU A 264 20.21 5.67 -7.00
CA GLU A 264 20.12 4.50 -6.14
C GLU A 264 19.45 3.32 -6.84
N CYS A 265 18.40 3.59 -7.58
CA CYS A 265 17.73 2.54 -8.32
C CYS A 265 18.67 1.92 -9.33
N ILE A 266 19.48 2.76 -9.99
CA ILE A 266 20.43 2.23 -10.96
C ILE A 266 21.44 1.29 -10.23
N GLU A 267 21.92 1.71 -9.06
CA GLU A 267 22.86 0.88 -8.28
C GLU A 267 22.19 -0.48 -7.87
N ILE A 268 20.94 -0.42 -7.44
CA ILE A 268 20.18 -1.63 -7.06
C ILE A 268 19.97 -2.53 -8.29
N LEU A 269 19.55 -1.92 -9.39
CA LEU A 269 19.27 -2.69 -10.64
C LEU A 269 20.52 -3.37 -11.22
N LYS A 270 21.63 -2.67 -11.20
CA LYS A 270 22.90 -3.23 -11.66
C LYS A 270 23.30 -4.47 -10.82
N ARG A 271 23.21 -4.32 -9.51
CA ARG A 271 23.39 -5.41 -8.55
C ARG A 271 22.46 -6.63 -8.82
N CYS A 272 21.19 -6.40 -9.11
CA CYS A 272 20.27 -7.49 -9.47
C CYS A 272 20.68 -8.09 -10.82
N LYS A 273 21.00 -7.26 -11.79
CA LYS A 273 21.38 -7.75 -13.13
C LYS A 273 22.57 -8.76 -13.02
N ASP A 274 23.55 -8.40 -12.19
CA ASP A 274 24.74 -9.24 -12.00
C ASP A 274 24.45 -10.44 -11.10
N ALA A 275 23.28 -10.48 -10.47
CA ALA A 275 22.88 -11.65 -9.66
C ALA A 275 22.14 -12.74 -10.43
N VAL A 276 21.69 -12.47 -11.66
CA VAL A 276 20.89 -13.46 -12.41
C VAL A 276 21.68 -14.03 -13.59
N PRO A 277 21.28 -15.21 -14.09
CA PRO A 277 22.14 -15.79 -15.15
C PRO A 277 22.02 -15.06 -16.50
N ARG A 278 23.11 -15.05 -17.28
CA ARG A 278 23.05 -14.54 -18.67
C ARG A 278 22.00 -15.29 -19.50
N ASP A 279 21.79 -16.57 -19.16
CA ASP A 279 20.90 -17.47 -19.90
C ASP A 279 19.54 -17.59 -19.22
N GLY A 280 18.67 -16.62 -19.53
CA GLY A 280 17.27 -16.63 -19.06
C GLY A 280 17.03 -15.98 -17.70
N GLY A 281 18.05 -15.28 -17.19
CA GLY A 281 17.90 -14.51 -15.92
C GLY A 281 16.91 -13.35 -16.15
N LYS A 282 16.18 -12.99 -15.09
CA LYS A 282 15.27 -11.88 -15.20
C LYS A 282 15.08 -11.27 -13.80
N VAL A 283 14.67 -10.02 -13.81
CA VAL A 283 14.41 -9.25 -12.60
C VAL A 283 12.97 -8.83 -12.70
N ILE A 284 12.17 -9.18 -11.69
CA ILE A 284 10.74 -8.91 -11.73
C ILE A 284 10.42 -7.73 -10.80
N ILE A 285 10.12 -6.56 -11.39
CA ILE A 285 9.86 -5.37 -10.63
C ILE A 285 8.34 -5.23 -10.51
N ILE A 286 7.83 -5.07 -9.30
CA ILE A 286 6.42 -4.86 -9.05
C ILE A 286 6.27 -3.49 -8.38
N ASP A 287 5.77 -2.53 -9.15
CA ASP A 287 5.61 -1.16 -8.65
C ASP A 287 4.56 -0.46 -9.55
N ILE A 288 4.14 0.72 -9.11
CA ILE A 288 3.20 1.53 -9.87
C ILE A 288 3.81 1.98 -11.22
N ILE A 289 2.99 1.96 -12.28
CA ILE A 289 3.33 2.71 -13.47
C ILE A 289 2.32 3.87 -13.58
N LEU A 290 2.82 5.07 -13.46
CA LEU A 290 1.99 6.28 -13.51
C LEU A 290 1.61 6.59 -14.94
N ASP A 291 0.31 6.71 -15.21
CA ASP A 291 -0.13 7.20 -16.52
C ASP A 291 -0.42 8.70 -16.34
N VAL A 292 0.30 9.53 -17.07
CA VAL A 292 0.11 10.97 -16.97
C VAL A 292 -0.65 11.52 -18.20
N LYS A 293 -1.22 10.64 -19.00
CA LYS A 293 -1.97 11.03 -20.21
C LYS A 293 -3.48 10.71 -20.08
N SER A 294 -3.85 9.64 -19.38
CA SER A 294 -5.26 9.24 -19.23
CA SER A 294 -5.27 9.29 -19.22
C SER A 294 -5.55 8.89 -17.77
N GLU A 295 -6.83 8.74 -17.47
CA GLU A 295 -7.31 8.50 -16.10
C GLU A 295 -7.78 7.02 -15.91
N HIS A 296 -7.38 6.42 -14.78
CA HIS A 296 -7.72 5.04 -14.45
C HIS A 296 -8.28 5.00 -13.02
N PRO A 297 -8.94 3.87 -12.63
CA PRO A 297 -9.46 3.84 -11.24
C PRO A 297 -8.41 4.20 -10.20
N TYR A 298 -7.17 3.71 -10.34
CA TYR A 298 -6.13 3.92 -9.26
C TYR A 298 -5.25 5.17 -9.49
N THR A 299 -5.55 5.97 -10.52
CA THR A 299 -4.73 7.13 -10.80
C THR A 299 -4.58 8.06 -9.56
N LYS A 300 -5.70 8.37 -8.95
CA LYS A 300 -5.67 9.31 -7.82
C LYS A 300 -4.78 8.75 -6.71
N MET A 301 -5.00 7.49 -6.35
CA MET A 301 -4.18 6.94 -5.25
CA MET A 301 -4.18 6.75 -5.35
C MET A 301 -2.69 6.77 -5.68
N ARG A 302 -2.43 6.53 -6.95
CA ARG A 302 -1.01 6.46 -7.43
C ARG A 302 -0.31 7.80 -7.28
N LEU A 303 -0.99 8.88 -7.60
CA LEU A 303 -0.43 10.22 -7.41
C LEU A 303 -0.21 10.49 -5.91
N THR A 304 -1.12 9.96 -5.07
CA THR A 304 -0.95 10.05 -3.63
C THR A 304 0.32 9.31 -3.17
N LEU A 305 0.52 8.10 -3.69
CA LEU A 305 1.70 7.31 -3.34
C LEU A 305 2.99 8.02 -3.84
N ASP A 306 2.89 8.80 -4.92
CA ASP A 306 4.06 9.58 -5.35
C ASP A 306 4.51 10.53 -4.26
N LEU A 307 3.55 11.27 -3.71
CA LEU A 307 3.86 12.18 -2.57
C LEU A 307 4.20 11.41 -1.30
N ASP A 308 3.50 10.29 -1.08
CA ASP A 308 3.82 9.43 0.04
C ASP A 308 5.32 9.07 -0.01
N MET A 309 5.81 8.66 -1.17
CA MET A 309 7.23 8.32 -1.31
C MET A 309 8.10 9.56 -1.09
N MET A 310 7.67 10.69 -1.66
CA MET A 310 8.46 11.90 -1.55
C MET A 310 8.70 12.24 -0.08
N LEU A 311 7.65 12.07 0.73
CA LEU A 311 7.67 12.46 2.13
C LEU A 311 8.35 11.39 3.02
N ASN A 312 8.06 10.11 2.77
CA ASN A 312 8.40 9.03 3.74
C ASN A 312 9.69 8.30 3.43
N THR A 313 10.02 8.16 2.15
CA THR A 313 11.19 7.34 1.76
C THR A 313 12.22 8.13 0.94
N GLY A 314 11.82 9.24 0.34
CA GLY A 314 12.76 9.90 -0.61
C GLY A 314 12.66 9.37 -2.02
N GLY A 315 11.71 8.48 -2.25
CA GLY A 315 11.49 7.91 -3.60
C GLY A 315 10.45 8.66 -4.40
N LYS A 316 9.80 7.93 -5.31
CA LYS A 316 8.82 8.52 -6.26
C LYS A 316 8.11 7.39 -7.01
N GLU A 317 6.96 7.71 -7.59
CA GLU A 317 6.33 6.78 -8.54
C GLU A 317 6.71 7.24 -9.95
N ARG A 318 6.80 6.28 -10.86
CA ARG A 318 7.41 6.54 -12.17
C ARG A 318 6.45 6.22 -13.30
N THR A 319 6.55 7.02 -14.35
CA THR A 319 5.83 6.79 -15.57
C THR A 319 6.57 5.70 -16.34
N GLU A 320 5.93 5.14 -17.38
CA GLU A 320 6.63 4.17 -18.22
C GLU A 320 7.92 4.73 -18.80
N GLU A 321 7.89 5.96 -19.32
CA GLU A 321 9.14 6.57 -19.87
C GLU A 321 10.24 6.65 -18.80
N GLU A 322 9.84 6.99 -17.58
CA GLU A 322 10.82 7.04 -16.47
C GLU A 322 11.39 5.61 -16.15
N TRP A 323 10.52 4.62 -16.13
CA TRP A 323 11.00 3.22 -15.90
C TRP A 323 11.94 2.81 -17.03
N LYS A 324 11.57 3.14 -18.25
CA LYS A 324 12.38 2.82 -19.44
C LYS A 324 13.76 3.39 -19.30
N LYS A 325 13.86 4.69 -18.96
CA LYS A 325 15.19 5.29 -18.81
C LYS A 325 16.02 4.65 -17.72
N LEU A 326 15.36 4.32 -16.59
CA LEU A 326 16.08 3.73 -15.48
C LEU A 326 16.68 2.35 -15.86
N ILE A 327 15.84 1.52 -16.46
CA ILE A 327 16.22 0.18 -16.86
C ILE A 327 17.28 0.24 -17.94
N HIS A 328 17.14 1.22 -18.86
CA HIS A 328 18.17 1.42 -19.91
C HIS A 328 19.54 1.76 -19.22
N ASP A 329 19.49 2.72 -18.30
CA ASP A 329 20.69 3.19 -17.64
C ASP A 329 21.37 2.15 -16.78
N ALA A 330 20.63 1.14 -16.34
CA ALA A 330 21.23 0.08 -15.51
C ALA A 330 21.87 -0.98 -16.44
N GLY A 331 21.62 -0.84 -17.74
CA GLY A 331 22.29 -1.65 -18.79
C GLY A 331 21.52 -2.92 -19.18
N TYR A 332 20.20 -2.94 -18.97
CA TYR A 332 19.40 -4.05 -19.37
C TYR A 332 19.12 -4.02 -20.86
N LYS A 333 18.79 -5.18 -21.42
CA LYS A 333 18.49 -5.30 -22.84
C LYS A 333 17.11 -4.77 -23.19
N GLY A 334 16.14 -5.07 -22.33
CA GLY A 334 14.78 -4.64 -22.56
C GLY A 334 13.87 -4.89 -21.39
N TYR A 335 12.59 -4.55 -21.56
CA TYR A 335 11.60 -4.81 -20.48
C TYR A 335 10.28 -5.18 -21.06
N LYS A 336 9.43 -5.78 -20.24
CA LYS A 336 8.10 -6.08 -20.58
C LYS A 336 7.18 -5.79 -19.40
N ILE A 337 6.11 -5.06 -19.67
CA ILE A 337 5.07 -4.77 -18.63
C ILE A 337 3.87 -5.67 -18.75
N THR A 338 3.41 -6.18 -17.61
CA THR A 338 2.17 -6.91 -17.48
C THR A 338 1.30 -6.26 -16.41
N HIS A 339 0.13 -5.80 -16.83
CA HIS A 339 -0.90 -5.29 -15.90
C HIS A 339 -1.66 -6.42 -15.29
N ILE A 340 -2.02 -6.29 -14.02
CA ILE A 340 -2.63 -7.34 -13.23
C ILE A 340 -3.82 -6.79 -12.43
N SER A 341 -4.42 -5.75 -12.96
CA SER A 341 -5.61 -5.14 -12.36
CA SER A 341 -5.59 -5.07 -12.38
C SER A 341 -5.39 -4.72 -10.90
N ALA A 342 -4.18 -4.24 -10.60
CA ALA A 342 -3.81 -3.88 -9.24
C ALA A 342 -3.26 -2.43 -9.21
N VAL A 343 -2.95 -1.95 -8.01
CA VAL A 343 -2.24 -0.63 -7.87
C VAL A 343 -0.90 -0.68 -8.65
N GLN A 344 -0.10 -1.72 -8.41
CA GLN A 344 1.17 -1.89 -9.06
C GLN A 344 1.00 -2.70 -10.33
N SER A 345 1.94 -2.58 -11.24
CA SER A 345 2.01 -3.44 -12.42
C SER A 345 3.24 -4.34 -12.28
N VAL A 346 3.41 -5.28 -13.20
CA VAL A 346 4.65 -6.09 -13.20
C VAL A 346 5.56 -5.63 -14.30
N ILE A 347 6.80 -5.33 -13.98
CA ILE A 347 7.78 -4.98 -15.01
C ILE A 347 8.95 -5.96 -14.98
N GLU A 348 9.06 -6.80 -16.02
CA GLU A 348 10.23 -7.69 -16.12
C GLU A 348 11.32 -6.96 -16.82
N ALA A 349 12.49 -6.96 -16.24
CA ALA A 349 13.65 -6.34 -16.84
C ALA A 349 14.61 -7.48 -17.25
N TYR A 350 15.03 -7.48 -18.51
CA TYR A 350 15.81 -8.60 -19.05
C TYR A 350 17.21 -8.08 -19.29
N PRO A 351 18.16 -8.64 -18.57
CA PRO A 351 19.52 -8.19 -18.66
C PRO A 351 20.17 -8.68 -19.92
N TYR A 352 19.66 -9.76 -20.50
CA TYR A 352 20.11 -10.25 -21.80
C TYR A 352 18.92 -11.00 -22.47
N SAH B . 8.48 -6.13 -0.77
CA SAH B . 7.59 -5.92 0.42
CB SAH B . 7.99 -4.69 1.29
CG SAH B . 8.13 -3.40 0.49
SD SAH B . 8.56 -2.05 1.65
C SAH B . 6.19 -5.65 -0.03
O SAH B . 5.96 -5.17 -1.16
OXT SAH B . 5.21 -5.94 0.70
C5' SAH B . 10.25 -1.83 1.34
C4' SAH B . 11.11 -2.94 1.98
O4' SAH B . 12.50 -2.66 1.62
C3' SAH B . 11.09 -2.87 3.51
O3' SAH B . 10.73 -4.19 4.01
C2' SAH B . 12.49 -2.47 3.97
O2' SAH B . 12.91 -3.04 5.20
C1' SAH B . 13.31 -2.97 2.81
N9 SAH B . 14.65 -2.37 2.69
C8 SAH B . 14.94 -1.04 2.80
N7 SAH B . 16.26 -0.87 2.68
C5 SAH B . 16.82 -2.09 2.48
C6 SAH B . 18.18 -2.59 2.27
N6 SAH B . 19.25 -1.68 2.26
N1 SAH B . 18.35 -3.91 2.07
C2 SAH B . 17.32 -4.81 2.10
N3 SAH B . 16.04 -4.38 2.30
C4 SAH B . 15.76 -3.08 2.52
K K C . -2.87 13.98 11.78
K K D . 8.00 1.10 19.08
NA NA E . -30.58 3.39 14.67
NA NA F . -2.30 5.96 -13.46
C1 EDO G . -13.13 15.46 -2.80
O1 EDO G . -13.36 14.81 -1.57
C2 EDO G . -14.28 16.40 -3.15
O2 EDO G . -13.83 17.73 -3.44
C1 EDO H . 20.15 -2.70 10.25
O1 EDO H . 19.01 -1.98 9.75
C2 EDO H . 19.57 -3.38 11.46
O2 EDO H . 18.31 -3.97 11.05
C1 EDO I . 27.08 -7.59 -7.87
O1 EDO I . 27.28 -6.55 -8.87
C2 EDO I . 25.92 -8.47 -8.39
O2 EDO I . 24.95 -8.68 -7.37
C1 EDO J . 4.78 9.59 -20.28
O1 EDO J . 5.69 10.70 -20.39
C2 EDO J . 5.67 8.35 -19.95
O2 EDO J . 4.92 7.15 -20.05
C1 EDO K . -3.37 -1.62 -13.97
C1 EDO K . -3.76 -1.43 -14.48
O1 EDO K . -2.07 -2.15 -13.81
O1 EDO K . -2.37 -1.22 -14.41
C2 EDO K . -4.25 -2.62 -14.68
C2 EDO K . -4.21 -2.18 -13.23
O2 EDO K . -5.57 -2.10 -14.64
O2 EDO K . -5.04 -1.39 -12.38
C1 EDO L . -3.52 3.13 14.72
O1 EDO L . -2.26 2.55 15.14
C2 EDO L . -3.64 2.70 13.25
O2 EDO L . -4.76 3.31 12.50
C1 EDO M . -24.71 -8.57 5.09
O1 EDO M . -24.50 -9.49 6.18
C2 EDO M . -25.65 -7.48 5.63
O2 EDO M . -25.57 -6.32 4.82
C1 EDO N . -14.70 -13.74 3.12
O1 EDO N . -14.65 -13.95 4.60
C2 EDO N . -15.96 -13.08 2.52
O2 EDO N . -15.60 -12.13 1.46
C1 EDO O . 23.64 1.57 3.24
O1 EDO O . 24.45 0.83 2.30
C2 EDO O . 22.24 1.67 2.64
O2 EDO O . 21.45 0.59 3.18
C1 EDO P . -33.72 8.04 15.14
O1 EDO P . -34.06 6.69 15.49
C2 EDO P . -32.80 7.97 13.92
O2 EDO P . -33.37 7.33 12.74
#